data_7F50
#
_entry.id   7F50
#
_cell.length_a   45.827
_cell.length_b   61.968
_cell.length_c   142.779
_cell.angle_alpha   90.00
_cell.angle_beta   90.00
_cell.angle_gamma   90.00
#
_symmetry.space_group_name_H-M   'P 21 21 21'
#
loop_
_entity.id
_entity.type
_entity.pdbx_description
1 polymer 'Heat shock 70 kDa protein 1B'
2 non-polymer 'MAGNESIUM ION'
3 non-polymer 'CHLORIDE ION'
4 non-polymer 'PHOSPHOAMINOPHOSPHONIC ACID-ADENYLATE ESTER'
5 water water
#
_entity_poly.entity_id   1
_entity_poly.type   'polypeptide(L)'
_entity_poly.pdbx_seq_one_letter_code
;KAAAIGIDLGTTYSCVGVFQHGKVEIIANDQGNRTTPSYVAFTDTERLIGDAAKNQVALNPQNTVFDAKRLIGRKFGDPV
VQSDMKHWPFQVINDGDKPKVQVSYKGETKAFYPEEISSMVLTKMKEIAEAYLGYPVTNAVITVPAAFNDSQRQATKDAG
VIAGLNVLRIINEPTAAAIAYGLDRTGKGERNVLIFDLGGGTFDVSILTIDDGIFEVKATAGDTHLGGEDFDNRLVNHFV
EEFKRKHKKDISQNKRAVRRLRTACERAKRTLSSSTQASLEIDSLFEGIDFYTSITRARFEELCSDLFRSTLEPVEKALR
DAKLDKAQIHDLVLVGGSTRIPKVQKLLQDFFNGRDLNKSINPDEAVAYGAAVQAAILLEHHHHHH
;
_entity_poly.pdbx_strand_id   A
#
# COMPACT_ATOMS: atom_id res chain seq x y z
N ALA A 2 27.27 5.75 -8.44
CA ALA A 2 26.35 5.25 -7.42
C ALA A 2 24.90 5.67 -7.70
N ALA A 3 24.04 4.68 -7.91
CA ALA A 3 22.67 4.97 -8.32
C ALA A 3 21.80 5.38 -7.14
N ALA A 4 20.91 6.34 -7.37
CA ALA A 4 19.88 6.71 -6.42
C ALA A 4 18.69 5.77 -6.61
N ILE A 5 17.93 5.59 -5.53
CA ILE A 5 16.80 4.66 -5.56
C ILE A 5 15.49 5.43 -5.52
N GLY A 6 14.44 4.78 -6.00
CA GLY A 6 13.06 5.25 -5.83
C GLY A 6 12.35 4.38 -4.82
N ILE A 7 11.70 5.00 -3.84
CA ILE A 7 11.00 4.25 -2.81
C ILE A 7 9.55 4.69 -2.76
N ASP A 8 8.64 3.73 -2.95
CA ASP A 8 7.21 3.93 -2.68
C ASP A 8 6.95 3.47 -1.25
N LEU A 9 6.73 4.42 -0.34
CA LEU A 9 6.47 4.14 1.07
C LEU A 9 4.96 4.12 1.22
N GLY A 10 4.39 2.92 1.21
CA GLY A 10 2.95 2.76 1.22
C GLY A 10 2.40 2.51 2.62
N THR A 11 1.07 2.66 2.73
CA THR A 11 0.42 2.40 3.99
C THR A 11 0.59 0.96 4.43
N THR A 12 0.42 0.00 3.50
CA THR A 12 0.49 -1.41 3.84
C THR A 12 1.74 -2.12 3.32
N TYR A 13 2.26 -1.72 2.14
CA TYR A 13 3.46 -2.32 1.57
C TYR A 13 4.35 -1.21 1.03
N SER A 14 5.65 -1.49 0.94
CA SER A 14 6.59 -0.56 0.33
C SER A 14 7.37 -1.28 -0.77
N CYS A 15 7.96 -0.50 -1.67
CA CYS A 15 8.59 -1.07 -2.85
C CYS A 15 9.78 -0.17 -3.20
N VAL A 16 10.87 -0.77 -3.67
CA VAL A 16 12.06 -0.02 -4.05
C VAL A 16 12.51 -0.39 -5.46
N GLY A 17 12.88 0.61 -6.26
CA GLY A 17 13.42 0.36 -7.58
C GLY A 17 14.67 1.19 -7.82
N VAL A 18 15.42 0.78 -8.86
CA VAL A 18 16.63 1.49 -9.24
C VAL A 18 16.68 1.59 -10.77
N PHE A 19 17.11 2.74 -11.28
CA PHE A 19 17.32 2.93 -12.71
C PHE A 19 18.82 2.87 -12.95
N GLN A 20 19.25 1.86 -13.70
CA GLN A 20 20.64 1.76 -14.09
C GLN A 20 20.68 0.96 -15.38
N HIS A 21 21.71 1.24 -16.18
CA HIS A 21 21.86 0.58 -17.48
C HIS A 21 20.62 0.74 -18.34
N GLY A 22 20.07 1.94 -18.35
CA GLY A 22 18.97 2.27 -19.23
C GLY A 22 17.62 1.69 -18.90
N LYS A 23 17.43 1.05 -17.74
CA LYS A 23 16.11 0.53 -17.40
C LYS A 23 15.92 0.48 -15.89
N VAL A 24 14.64 0.38 -15.49
CA VAL A 24 14.30 0.22 -14.09
C VAL A 24 14.33 -1.27 -13.75
N GLU A 25 14.87 -1.59 -12.58
CA GLU A 25 14.60 -2.88 -11.94
C GLU A 25 13.96 -2.63 -10.58
N ILE A 26 12.86 -3.32 -10.35
CA ILE A 26 12.24 -3.39 -9.02
C ILE A 26 12.93 -4.51 -8.27
N ILE A 27 13.35 -4.23 -7.03
CA ILE A 27 14.29 -5.09 -6.33
C ILE A 27 13.54 -6.01 -5.37
N ALA A 28 13.71 -7.32 -5.54
CA ALA A 28 13.09 -8.27 -4.62
C ALA A 28 13.86 -8.36 -3.31
N ASN A 29 13.12 -8.64 -2.23
CA ASN A 29 13.71 -8.70 -0.90
C ASN A 29 14.34 -10.08 -0.67
N ASP A 30 14.72 -10.35 0.59
CA ASP A 30 15.41 -11.60 0.93
C ASP A 30 14.53 -12.82 0.68
N GLN A 31 13.22 -12.65 0.76
CA GLN A 31 12.26 -13.73 0.53
C GLN A 31 11.84 -13.84 -0.93
N GLY A 32 12.38 -12.98 -1.80
CA GLY A 32 11.96 -12.97 -3.18
C GLY A 32 10.73 -12.14 -3.48
N ASN A 33 10.21 -11.40 -2.51
CA ASN A 33 9.01 -10.61 -2.71
C ASN A 33 9.36 -9.22 -3.23
N ARG A 34 8.67 -8.80 -4.29
CA ARG A 34 8.92 -7.52 -4.92
C ARG A 34 8.31 -6.33 -4.17
N THR A 35 7.43 -6.57 -3.21
CA THR A 35 7.06 -5.56 -2.24
C THR A 35 7.22 -6.13 -0.83
N THR A 36 7.32 -5.24 0.16
CA THR A 36 7.62 -5.58 1.55
C THR A 36 6.59 -4.92 2.47
N PRO A 37 6.02 -5.66 3.42
CA PRO A 37 5.01 -5.06 4.32
C PRO A 37 5.57 -3.88 5.12
N SER A 38 4.77 -2.83 5.25
CA SER A 38 5.18 -1.66 6.04
C SER A 38 4.94 -1.90 7.54
N TYR A 39 5.62 -2.91 8.06
CA TYR A 39 5.41 -3.41 9.42
C TYR A 39 6.73 -3.41 10.19
N VAL A 40 6.65 -3.11 11.48
CA VAL A 40 7.81 -3.17 12.38
C VAL A 40 7.38 -3.85 13.66
N ALA A 41 8.16 -4.81 14.15
CA ALA A 41 7.78 -5.52 15.37
C ALA A 41 8.92 -5.44 16.38
N PHE A 42 8.55 -5.32 17.65
CA PHE A 42 9.50 -5.22 18.75
C PHE A 42 9.30 -6.42 19.67
N THR A 43 10.40 -7.11 20.00
CA THR A 43 10.33 -8.29 20.85
C THR A 43 11.26 -8.12 22.06
N ASP A 44 11.38 -9.19 22.85
CA ASP A 44 12.31 -9.17 23.98
C ASP A 44 13.77 -8.99 23.56
N THR A 45 14.13 -9.33 22.32
CA THR A 45 15.52 -9.28 21.90
C THR A 45 15.79 -8.61 20.55
N GLU A 46 14.77 -8.33 19.76
CA GLU A 46 14.99 -7.94 18.36
C GLU A 46 14.00 -6.86 17.93
N ARG A 47 14.39 -6.18 16.86
CA ARG A 47 13.49 -5.37 16.06
C ARG A 47 13.35 -6.09 14.72
N LEU A 48 12.12 -6.37 14.31
CA LEU A 48 11.85 -7.06 13.06
C LEU A 48 11.14 -6.09 12.13
N ILE A 49 11.46 -6.18 10.83
CA ILE A 49 10.90 -5.25 9.84
C ILE A 49 10.48 -6.01 8.59
N GLY A 50 9.30 -5.67 8.06
CA GLY A 50 8.91 -6.18 6.76
C GLY A 50 8.24 -7.53 6.89
N ASP A 51 8.68 -8.48 6.06
CA ASP A 51 8.05 -9.81 6.08
C ASP A 51 8.12 -10.45 7.46
N ALA A 52 9.27 -10.35 8.13
CA ALA A 52 9.42 -11.00 9.43
C ALA A 52 8.50 -10.41 10.47
N ALA A 53 8.22 -9.11 10.38
CA ALA A 53 7.32 -8.49 11.34
C ALA A 53 5.86 -8.87 11.05
N LYS A 54 5.46 -8.82 9.78
CA LYS A 54 4.09 -9.19 9.45
C LYS A 54 3.83 -10.65 9.73
N ASN A 55 4.83 -11.52 9.57
CA ASN A 55 4.62 -12.94 9.76
C ASN A 55 4.31 -13.30 11.21
N GLN A 56 4.72 -12.47 12.17
CA GLN A 56 4.45 -12.74 13.58
C GLN A 56 3.41 -11.81 14.19
N VAL A 57 2.62 -11.11 13.37
CA VAL A 57 1.64 -10.16 13.90
C VAL A 57 0.64 -10.88 14.82
N ALA A 58 0.22 -12.09 14.45
CA ALA A 58 -0.77 -12.80 15.26
C ALA A 58 -0.22 -13.18 16.63
N LEU A 59 1.09 -13.30 16.76
CA LEU A 59 1.74 -13.70 17.99
C LEU A 59 2.06 -12.53 18.91
N ASN A 60 2.15 -11.32 18.37
CA ASN A 60 2.69 -10.19 19.11
C ASN A 60 1.90 -8.94 18.73
N PRO A 61 0.57 -8.95 18.85
CA PRO A 61 -0.21 -7.83 18.28
C PRO A 61 0.03 -6.50 18.97
N GLN A 62 0.31 -6.48 20.28
CA GLN A 62 0.49 -5.20 20.95
C GLN A 62 1.79 -4.50 20.58
N ASN A 63 2.80 -5.25 20.14
CA ASN A 63 4.11 -4.67 19.85
C ASN A 63 4.48 -4.73 18.37
N THR A 64 3.51 -4.99 17.51
CA THR A 64 3.72 -4.99 16.05
C THR A 64 2.98 -3.78 15.48
N VAL A 65 3.74 -2.82 14.97
CA VAL A 65 3.22 -1.54 14.52
C VAL A 65 3.05 -1.56 13.00
N PHE A 66 1.92 -1.01 12.54
CA PHE A 66 1.64 -0.86 11.12
C PHE A 66 0.80 0.40 10.99
N ASP A 67 0.47 0.78 9.74
CA ASP A 67 -0.36 1.97 9.49
C ASP A 67 0.30 3.27 9.97
N ALA A 68 1.63 3.32 10.10
CA ALA A 68 2.28 4.55 10.57
C ALA A 68 2.05 5.72 9.62
N LYS A 69 1.83 5.43 8.33
CA LYS A 69 1.54 6.49 7.37
C LYS A 69 0.26 7.21 7.71
N ARG A 70 -0.63 6.57 8.46
CA ARG A 70 -1.85 7.25 8.86
C ARG A 70 -1.61 8.27 9.95
N LEU A 71 -0.50 8.18 10.65
CA LEU A 71 -0.16 9.08 11.74
C LEU A 71 0.87 10.12 11.37
N ILE A 72 1.72 9.82 10.39
CA ILE A 72 2.96 10.56 10.19
C ILE A 72 2.65 12.04 9.94
N GLY A 73 3.36 12.91 10.66
CA GLY A 73 3.18 14.34 10.50
C GLY A 73 1.88 14.92 11.04
N ARG A 74 1.07 14.15 11.76
CA ARG A 74 -0.19 14.68 12.28
C ARG A 74 -0.07 15.00 13.78
N LYS A 75 -0.99 15.83 14.26
CA LYS A 75 -1.12 16.10 15.69
C LYS A 75 -1.93 15.01 16.36
N PHE A 76 -1.66 14.80 17.66
CA PHE A 76 -2.37 13.76 18.40
C PHE A 76 -3.88 14.01 18.41
N GLY A 77 -4.28 15.27 18.52
CA GLY A 77 -5.68 15.62 18.55
C GLY A 77 -6.34 15.77 17.19
N ASP A 78 -5.61 15.49 16.11
CA ASP A 78 -6.19 15.42 14.77
C ASP A 78 -7.36 14.44 14.80
N PRO A 79 -8.54 14.83 14.30
CA PRO A 79 -9.68 13.90 14.33
C PRO A 79 -9.41 12.59 13.62
N VAL A 80 -8.54 12.60 12.60
CA VAL A 80 -8.14 11.38 11.92
C VAL A 80 -7.38 10.45 12.88
N VAL A 81 -6.46 11.02 13.66
CA VAL A 81 -5.72 10.20 14.62
C VAL A 81 -6.65 9.64 15.68
N GLN A 82 -7.50 10.51 16.24
CA GLN A 82 -8.44 10.07 17.27
C GLN A 82 -9.31 8.92 16.76
N SER A 83 -9.75 9.00 15.51
CA SER A 83 -10.63 7.97 14.97
C SER A 83 -9.88 6.68 14.68
N ASP A 84 -8.71 6.78 14.02
CA ASP A 84 -7.98 5.58 13.63
C ASP A 84 -7.52 4.78 14.84
N MET A 85 -7.20 5.45 15.96
CA MET A 85 -6.61 4.72 17.07
C MET A 85 -7.58 3.75 17.74
N LYS A 86 -8.90 3.95 17.58
CA LYS A 86 -9.85 2.99 18.13
C LYS A 86 -9.66 1.58 17.60
N HIS A 87 -9.07 1.42 16.41
CA HIS A 87 -9.04 0.14 15.73
C HIS A 87 -7.64 -0.50 15.67
N TRP A 88 -6.64 0.11 16.28
CA TRP A 88 -5.33 -0.52 16.27
C TRP A 88 -5.07 -1.29 17.57
N PRO A 89 -4.36 -2.42 17.48
CA PRO A 89 -4.06 -3.20 18.69
C PRO A 89 -2.87 -2.68 19.47
N PHE A 90 -2.08 -1.77 18.91
CA PHE A 90 -0.98 -1.14 19.63
C PHE A 90 -1.44 0.19 20.21
N GLN A 91 -0.73 0.62 21.25
CA GLN A 91 -1.05 1.84 22.00
C GLN A 91 -0.44 3.08 21.37
N VAL A 92 -1.25 4.13 21.21
CA VAL A 92 -0.78 5.44 20.78
C VAL A 92 -0.91 6.39 21.97
N ILE A 93 0.13 7.20 22.19
CA ILE A 93 0.17 8.14 23.30
C ILE A 93 0.44 9.55 22.78
N ASN A 94 0.22 10.54 23.66
CA ASN A 94 0.39 11.94 23.33
C ASN A 94 1.69 12.46 23.95
N ASP A 95 2.54 13.06 23.11
CA ASP A 95 3.84 13.61 23.54
C ASP A 95 4.00 14.97 22.85
N GLY A 96 3.59 16.04 23.56
CA GLY A 96 3.63 17.38 22.99
C GLY A 96 2.68 17.59 21.82
N ASP A 97 1.45 17.07 21.92
CA ASP A 97 0.47 17.04 20.82
C ASP A 97 0.99 16.33 19.58
N LYS A 98 2.09 15.56 19.70
CA LYS A 98 2.44 14.63 18.64
C LYS A 98 2.14 13.21 19.08
N PRO A 99 1.63 12.35 18.19
CA PRO A 99 1.39 10.96 18.58
C PRO A 99 2.68 10.16 18.59
N LYS A 100 2.77 9.22 19.52
CA LYS A 100 3.85 8.24 19.52
C LYS A 100 3.22 6.86 19.74
N VAL A 101 3.88 5.83 19.22
CA VAL A 101 3.44 4.45 19.43
CA VAL A 101 3.44 4.45 19.43
C VAL A 101 4.26 3.88 20.59
N GLN A 102 3.58 3.37 21.60
CA GLN A 102 4.22 2.85 22.80
C GLN A 102 4.18 1.33 22.78
N VAL A 103 5.35 0.70 22.93
CA VAL A 103 5.49 -0.75 22.83
C VAL A 103 6.38 -1.24 23.96
N SER A 104 6.40 -2.56 24.13
CA SER A 104 7.45 -3.23 24.91
C SER A 104 8.56 -3.63 23.96
N TYR A 105 9.79 -3.31 24.31
CA TYR A 105 10.96 -3.63 23.49
C TYR A 105 12.10 -3.94 24.44
N LYS A 106 12.68 -5.14 24.30
CA LYS A 106 13.79 -5.57 25.13
C LYS A 106 13.47 -5.41 26.62
N GLY A 107 12.23 -5.73 26.97
CA GLY A 107 11.77 -5.75 28.35
C GLY A 107 11.44 -4.41 28.94
N GLU A 108 11.56 -3.32 28.17
CA GLU A 108 11.25 -1.99 28.65
C GLU A 108 10.11 -1.40 27.82
N THR A 109 9.43 -0.41 28.40
CA THR A 109 8.45 0.37 27.65
C THR A 109 9.17 1.45 26.85
N LYS A 110 8.84 1.55 25.57
CA LYS A 110 9.47 2.51 24.68
C LYS A 110 8.40 3.12 23.80
N ALA A 111 8.61 4.37 23.38
CA ALA A 111 7.69 5.04 22.47
C ALA A 111 8.44 5.68 21.31
N PHE A 112 7.85 5.61 20.11
CA PHE A 112 8.47 6.07 18.88
C PHE A 112 7.54 6.99 18.12
N TYR A 113 8.10 8.03 17.52
CA TYR A 113 7.32 8.86 16.60
C TYR A 113 6.98 8.07 15.34
N PRO A 114 5.87 8.41 14.67
CA PRO A 114 5.58 7.74 13.39
C PRO A 114 6.72 7.84 12.39
N GLU A 115 7.44 8.96 12.35
CA GLU A 115 8.55 9.05 11.40
C GLU A 115 9.68 8.10 11.77
N GLU A 116 9.82 7.74 13.04
CA GLU A 116 10.82 6.75 13.43
C GLU A 116 10.42 5.35 12.99
N ILE A 117 9.15 5.00 13.14
CA ILE A 117 8.66 3.73 12.59
C ILE A 117 8.89 3.67 11.09
N SER A 118 8.52 4.74 10.37
CA SER A 118 8.69 4.73 8.92
C SER A 118 10.16 4.73 8.54
N SER A 119 11.02 5.33 9.37
CA SER A 119 12.46 5.25 9.09
C SER A 119 12.97 3.82 9.16
N MET A 120 12.35 2.96 9.96
CA MET A 120 12.78 1.57 10.00
C MET A 120 12.34 0.83 8.74
N VAL A 121 11.11 1.10 8.26
CA VAL A 121 10.68 0.55 6.98
C VAL A 121 11.61 1.01 5.86
N LEU A 122 11.96 2.30 5.86
CA LEU A 122 12.87 2.80 4.83
C LEU A 122 14.26 2.20 4.95
N THR A 123 14.74 1.94 6.17
CA THR A 123 16.04 1.28 6.35
C THR A 123 16.02 -0.09 5.72
N LYS A 124 14.91 -0.83 5.90
CA LYS A 124 14.81 -2.15 5.28
C LYS A 124 14.81 -2.03 3.76
N MET A 125 14.10 -1.05 3.21
CA MET A 125 14.07 -0.88 1.76
C MET A 125 15.44 -0.50 1.23
N LYS A 126 16.16 0.33 1.98
CA LYS A 126 17.53 0.70 1.62
C LYS A 126 18.44 -0.53 1.65
N GLU A 127 18.25 -1.41 2.64
CA GLU A 127 19.08 -2.61 2.73
C GLU A 127 18.79 -3.58 1.59
N ILE A 128 17.51 -3.71 1.23
CA ILE A 128 17.10 -4.53 0.09
C ILE A 128 17.82 -4.08 -1.18
N ALA A 129 17.92 -2.76 -1.39
CA ALA A 129 18.58 -2.22 -2.56
C ALA A 129 20.09 -2.44 -2.50
N GLU A 130 20.70 -2.25 -1.32
CA GLU A 130 22.13 -2.46 -1.17
C GLU A 130 22.53 -3.91 -1.38
N ALA A 131 21.68 -4.86 -0.98
CA ALA A 131 21.98 -6.27 -1.23
C ALA A 131 22.06 -6.56 -2.72
N TYR A 132 21.18 -5.92 -3.49
CA TYR A 132 21.16 -6.11 -4.94
C TYR A 132 22.32 -5.38 -5.62
N LEU A 133 22.58 -4.14 -5.23
CA LEU A 133 23.57 -3.32 -5.91
C LEU A 133 25.01 -3.67 -5.51
N GLY A 134 25.22 -4.06 -4.27
CA GLY A 134 26.56 -4.39 -3.78
C GLY A 134 27.34 -3.23 -3.20
N TYR A 135 26.70 -2.07 -3.03
CA TYR A 135 27.34 -0.90 -2.45
C TYR A 135 26.27 -0.09 -1.73
N PRO A 136 26.66 0.79 -0.81
CA PRO A 136 25.66 1.58 -0.07
C PRO A 136 24.94 2.57 -0.96
N VAL A 137 23.67 2.79 -0.62
CA VAL A 137 22.83 3.76 -1.30
C VAL A 137 22.70 4.98 -0.41
N THR A 138 22.88 6.17 -0.97
CA THR A 138 22.80 7.39 -0.19
C THR A 138 21.81 8.42 -0.73
N ASN A 139 21.24 8.24 -1.92
CA ASN A 139 20.29 9.21 -2.46
C ASN A 139 19.02 8.47 -2.84
N ALA A 140 17.87 9.14 -2.64
CA ALA A 140 16.60 8.51 -2.94
C ALA A 140 15.54 9.56 -3.22
N VAL A 141 14.55 9.17 -4.01
CA VAL A 141 13.29 9.88 -4.13
C VAL A 141 12.24 9.04 -3.40
N ILE A 142 11.42 9.67 -2.57
CA ILE A 142 10.40 9.00 -1.77
C ILE A 142 9.05 9.62 -2.12
N THR A 143 8.01 8.79 -2.20
CA THR A 143 6.70 9.25 -2.64
C THR A 143 5.73 9.44 -1.47
N VAL A 144 4.74 10.32 -1.69
CA VAL A 144 3.68 10.62 -0.72
C VAL A 144 2.38 10.82 -1.48
N PRO A 145 1.23 10.67 -0.78
CA PRO A 145 -0.06 11.01 -1.40
C PRO A 145 -0.14 12.48 -1.77
N ALA A 146 -0.87 12.75 -2.85
CA ALA A 146 -1.02 14.14 -3.30
C ALA A 146 -1.63 15.02 -2.21
N ALA A 147 -2.47 14.47 -1.34
CA ALA A 147 -3.12 15.26 -0.28
C ALA A 147 -2.21 15.59 0.91
N PHE A 148 -1.02 14.99 1.00
CA PHE A 148 -0.14 15.29 2.15
C PHE A 148 0.17 16.78 2.21
N ASN A 149 0.11 17.33 3.43
CA ASN A 149 0.46 18.72 3.66
C ASN A 149 1.97 18.86 3.93
N ASP A 150 2.40 20.10 4.22
CA ASP A 150 3.83 20.34 4.45
C ASP A 150 4.37 19.53 5.63
N SER A 151 3.59 19.40 6.70
CA SER A 151 4.05 18.68 7.88
C SER A 151 4.20 17.19 7.60
N GLN A 152 3.23 16.62 6.87
CA GLN A 152 3.34 15.21 6.49
C GLN A 152 4.51 14.98 5.55
N ARG A 153 4.78 15.94 4.67
CA ARG A 153 5.93 15.82 3.76
C ARG A 153 7.24 15.95 4.52
N GLN A 154 7.29 16.88 5.48
CA GLN A 154 8.51 17.05 6.29
C GLN A 154 8.81 15.78 7.06
N ALA A 155 7.79 15.19 7.69
CA ALA A 155 8.01 14.00 8.50
C ALA A 155 8.41 12.81 7.63
N THR A 156 7.88 12.72 6.41
CA THR A 156 8.35 11.66 5.51
C THR A 156 9.81 11.86 5.14
N LYS A 157 10.19 13.10 4.82
CA LYS A 157 11.60 13.36 4.54
C LYS A 157 12.48 13.04 5.75
N ASP A 158 12.03 13.42 6.95
CA ASP A 158 12.75 13.07 8.18
C ASP A 158 12.97 11.57 8.28
N ALA A 159 11.93 10.77 7.99
CA ALA A 159 12.09 9.32 8.02
C ALA A 159 13.22 8.86 7.11
N GLY A 160 13.34 9.46 5.93
CA GLY A 160 14.37 9.05 5.00
C GLY A 160 15.76 9.42 5.49
N VAL A 161 15.92 10.62 6.05
CA VAL A 161 17.21 11.06 6.56
C VAL A 161 17.63 10.21 7.75
N ILE A 162 16.67 9.86 8.62
CA ILE A 162 16.95 8.96 9.74
C ILE A 162 17.45 7.62 9.21
N ALA A 163 16.86 7.14 8.11
CA ALA A 163 17.30 5.91 7.47
C ALA A 163 18.64 6.04 6.78
N GLY A 164 19.22 7.25 6.73
CA GLY A 164 20.51 7.43 6.12
C GLY A 164 20.51 7.81 4.65
N LEU A 165 19.41 8.33 4.13
CA LEU A 165 19.30 8.74 2.74
C LEU A 165 19.31 10.25 2.65
N ASN A 166 19.99 10.77 1.63
CA ASN A 166 19.74 12.12 1.16
C ASN A 166 18.49 12.07 0.29
N VAL A 167 17.45 12.81 0.70
CA VAL A 167 16.17 12.81 0.00
C VAL A 167 16.25 13.85 -1.12
N LEU A 168 16.44 13.37 -2.35
CA LEU A 168 16.51 14.27 -3.50
C LEU A 168 15.21 15.04 -3.69
N ARG A 169 14.08 14.37 -3.49
CA ARG A 169 12.79 15.01 -3.66
C ARG A 169 11.71 14.14 -3.02
N ILE A 170 10.67 14.79 -2.52
CA ILE A 170 9.43 14.14 -2.11
C ILE A 170 8.44 14.42 -3.23
N ILE A 171 7.94 13.38 -3.89
CA ILE A 171 7.06 13.59 -5.04
C ILE A 171 5.74 12.86 -4.84
N ASN A 172 4.68 13.38 -5.47
CA ASN A 172 3.35 12.79 -5.34
C ASN A 172 3.29 11.43 -6.02
N GLU A 173 2.59 10.50 -5.39
CA GLU A 173 2.41 9.16 -5.96
C GLU A 173 1.80 9.18 -7.37
N PRO A 174 0.72 9.92 -7.64
CA PRO A 174 0.18 9.90 -9.02
C PRO A 174 1.15 10.47 -10.05
N THR A 175 1.96 11.47 -9.66
CA THR A 175 2.99 11.98 -10.56
C THR A 175 4.01 10.89 -10.90
N ALA A 176 4.48 10.16 -9.88
CA ALA A 176 5.42 9.09 -10.09
C ALA A 176 4.86 8.03 -11.03
N ALA A 177 3.59 7.65 -10.85
CA ALA A 177 2.98 6.66 -11.73
C ALA A 177 2.92 7.13 -13.17
N ALA A 178 2.63 8.43 -13.38
CA ALA A 178 2.64 8.97 -14.74
C ALA A 178 4.04 8.93 -15.34
N ILE A 179 5.06 9.23 -14.54
CA ILE A 179 6.44 9.19 -15.03
C ILE A 179 6.83 7.77 -15.43
N ALA A 180 6.35 6.77 -14.68
CA ALA A 180 6.68 5.38 -14.99
C ALA A 180 6.26 5.02 -16.41
N TYR A 181 5.12 5.53 -16.87
CA TYR A 181 4.61 5.27 -18.21
C TYR A 181 5.08 6.31 -19.23
N GLY A 182 6.01 7.18 -18.85
CA GLY A 182 6.56 8.16 -19.78
C GLY A 182 5.58 9.22 -20.23
N LEU A 183 4.57 9.52 -19.42
CA LEU A 183 3.50 10.42 -19.85
C LEU A 183 3.88 11.88 -19.75
N ASP A 184 5.05 12.21 -19.22
CA ASP A 184 5.47 13.59 -19.04
C ASP A 184 6.48 14.04 -20.09
N ARG A 185 6.59 13.31 -21.20
CA ARG A 185 7.54 13.64 -22.26
C ARG A 185 6.87 14.33 -23.44
N THR A 186 5.60 14.70 -23.29
CA THR A 186 4.73 15.04 -24.41
C THR A 186 5.30 16.16 -25.27
N GLY A 187 5.64 17.28 -24.65
CA GLY A 187 5.83 18.53 -25.37
C GLY A 187 4.60 19.41 -25.25
N LYS A 188 4.59 20.48 -26.04
CA LYS A 188 3.46 21.40 -26.03
C LYS A 188 2.17 20.67 -26.37
N GLY A 189 1.19 20.74 -25.46
CA GLY A 189 -0.06 20.04 -25.64
C GLY A 189 -0.57 19.38 -24.37
N GLU A 190 -1.81 19.65 -24.02
CA GLU A 190 -2.38 19.11 -22.79
C GLU A 190 -2.75 17.65 -22.96
N ARG A 191 -2.32 16.81 -22.02
CA ARG A 191 -2.73 15.41 -21.94
C ARG A 191 -3.38 15.21 -20.58
N ASN A 192 -4.59 14.64 -20.59
CA ASN A 192 -5.34 14.37 -19.36
C ASN A 192 -5.14 12.91 -18.99
N VAL A 193 -4.71 12.67 -17.76
CA VAL A 193 -4.37 11.33 -17.30
C VAL A 193 -5.18 11.04 -16.05
N LEU A 194 -5.72 9.83 -15.96
CA LEU A 194 -6.41 9.38 -14.76
C LEU A 194 -5.58 8.28 -14.09
N ILE A 195 -5.22 8.51 -12.83
CA ILE A 195 -4.54 7.51 -12.02
C ILE A 195 -5.58 6.89 -11.08
N PHE A 196 -5.76 5.57 -11.18
CA PHE A 196 -6.73 4.82 -10.38
C PHE A 196 -5.90 3.93 -9.45
N ASP A 197 -5.86 4.29 -8.17
CA ASP A 197 -4.94 3.68 -7.21
C ASP A 197 -5.74 2.99 -6.11
N LEU A 198 -5.74 1.66 -6.11
CA LEU A 198 -6.47 0.89 -5.11
C LEU A 198 -5.47 -0.03 -4.44
N GLY A 199 -5.07 0.30 -3.23
CA GLY A 199 -3.98 -0.37 -2.54
C GLY A 199 -4.44 -1.34 -1.49
N GLY A 200 -3.67 -1.42 -0.40
CA GLY A 200 -4.03 -2.30 0.68
C GLY A 200 -5.03 -1.66 1.61
N GLY A 201 -4.89 -0.37 1.82
CA GLY A 201 -5.77 0.31 2.76
C GLY A 201 -6.54 1.50 2.24
N THR A 202 -6.15 2.07 1.09
CA THR A 202 -6.70 3.33 0.63
C THR A 202 -7.00 3.26 -0.87
N PHE A 203 -7.91 4.13 -1.30
CA PHE A 203 -8.34 4.25 -2.69
C PHE A 203 -8.23 5.71 -3.07
N ASP A 204 -7.43 6.00 -4.10
CA ASP A 204 -7.23 7.38 -4.56
C ASP A 204 -7.39 7.45 -6.07
N VAL A 205 -8.18 8.42 -6.54
CA VAL A 205 -8.31 8.76 -7.94
C VAL A 205 -7.76 10.15 -8.14
N SER A 206 -6.85 10.31 -9.10
CA SER A 206 -6.28 11.61 -9.44
C SER A 206 -6.43 11.84 -10.93
N ILE A 207 -6.82 13.04 -11.31
CA ILE A 207 -6.80 13.47 -12.70
C ILE A 207 -5.71 14.51 -12.83
N LEU A 208 -4.75 14.25 -13.70
CA LEU A 208 -3.61 15.14 -13.92
C LEU A 208 -3.72 15.68 -15.33
N THR A 209 -3.37 16.94 -15.50
CA THR A 209 -3.11 17.49 -16.82
C THR A 209 -1.63 17.76 -16.93
N ILE A 210 -1.01 17.21 -17.96
CA ILE A 210 0.43 17.32 -18.17
C ILE A 210 0.62 18.12 -19.45
N ASP A 211 1.39 19.21 -19.34
CA ASP A 211 1.58 20.13 -20.45
C ASP A 211 3.06 20.51 -20.46
N ASP A 212 3.76 20.09 -21.51
CA ASP A 212 5.19 20.40 -21.66
C ASP A 212 5.97 19.93 -20.42
N GLY A 213 5.66 18.73 -19.94
CA GLY A 213 6.34 18.19 -18.78
C GLY A 213 5.93 18.76 -17.44
N ILE A 214 4.97 19.70 -17.41
CA ILE A 214 4.49 20.27 -16.15
C ILE A 214 3.20 19.57 -15.75
N PHE A 215 3.09 19.23 -14.47
CA PHE A 215 1.93 18.51 -13.94
C PHE A 215 0.99 19.48 -13.23
N GLU A 216 -0.30 19.31 -13.46
CA GLU A 216 -1.34 20.04 -12.74
C GLU A 216 -2.37 19.04 -12.27
N VAL A 217 -2.66 19.04 -10.98
CA VAL A 217 -3.74 18.22 -10.43
C VAL A 217 -5.08 18.92 -10.72
N LYS A 218 -5.93 18.28 -11.50
CA LYS A 218 -7.23 18.84 -11.82
C LYS A 218 -8.33 18.41 -10.86
N ALA A 219 -8.19 17.24 -10.23
CA ALA A 219 -9.24 16.73 -9.36
C ALA A 219 -8.71 15.51 -8.63
N THR A 220 -9.22 15.27 -7.43
CA THR A 220 -8.90 14.07 -6.68
C THR A 220 -10.15 13.58 -5.99
N ALA A 221 -10.22 12.27 -5.79
CA ALA A 221 -11.36 11.66 -5.11
C ALA A 221 -10.88 10.33 -4.54
N GLY A 222 -11.75 9.70 -3.75
CA GLY A 222 -11.45 8.35 -3.30
C GLY A 222 -12.00 8.10 -1.90
N ASP A 223 -11.40 7.11 -1.24
CA ASP A 223 -11.83 6.70 0.10
C ASP A 223 -10.61 6.24 0.87
N THR A 224 -10.33 6.90 2.01
CA THR A 224 -9.11 6.59 2.76
C THR A 224 -9.21 5.28 3.52
N HIS A 225 -10.37 4.63 3.55
CA HIS A 225 -10.54 3.38 4.27
C HIS A 225 -11.22 2.34 3.38
N LEU A 226 -10.77 2.24 2.14
CA LEU A 226 -11.22 1.20 1.20
C LEU A 226 -9.99 0.65 0.50
N GLY A 227 -9.75 -0.64 0.63
CA GLY A 227 -8.61 -1.25 -0.04
C GLY A 227 -8.67 -2.76 0.04
N GLY A 228 -7.54 -3.38 -0.29
CA GLY A 228 -7.49 -4.82 -0.31
C GLY A 228 -7.81 -5.46 1.03
N GLU A 229 -7.50 -4.77 2.13
CA GLU A 229 -7.80 -5.31 3.45
C GLU A 229 -9.29 -5.53 3.63
N ASP A 230 -10.11 -4.70 3.00
CA ASP A 230 -11.56 -4.87 3.09
C ASP A 230 -12.04 -6.08 2.28
N PHE A 231 -11.36 -6.40 1.18
CA PHE A 231 -11.69 -7.60 0.44
C PHE A 231 -11.31 -8.84 1.22
N ASP A 232 -10.13 -8.81 1.87
CA ASP A 232 -9.75 -9.88 2.81
C ASP A 232 -10.82 -10.09 3.87
N ASN A 233 -11.37 -9.00 4.42
CA ASN A 233 -12.36 -9.11 5.48
C ASN A 233 -13.66 -9.76 5.00
N ARG A 234 -14.06 -9.52 3.75
CA ARG A 234 -15.25 -10.20 3.22
C ARG A 234 -15.00 -11.71 3.10
N LEU A 235 -13.78 -12.10 2.70
CA LEU A 235 -13.43 -13.51 2.67
C LEU A 235 -13.42 -14.11 4.07
N VAL A 236 -12.84 -13.41 5.05
CA VAL A 236 -12.85 -13.90 6.44
C VAL A 236 -14.28 -14.18 6.91
N ASN A 237 -15.18 -13.22 6.71
CA ASN A 237 -16.55 -13.41 7.19
C ASN A 237 -17.23 -14.58 6.48
N HIS A 238 -16.97 -14.73 5.18
CA HIS A 238 -17.48 -15.89 4.45
C HIS A 238 -17.02 -17.20 5.07
N PHE A 239 -15.71 -17.31 5.34
CA PHE A 239 -15.20 -18.56 5.90
C PHE A 239 -15.62 -18.76 7.35
N VAL A 240 -15.83 -17.67 8.10
CA VAL A 240 -16.38 -17.81 9.45
C VAL A 240 -17.75 -18.46 9.41
N GLU A 241 -18.59 -18.06 8.43
CA GLU A 241 -19.89 -18.70 8.29
C GLU A 241 -19.75 -20.16 7.84
N GLU A 242 -18.76 -20.45 7.00
CA GLU A 242 -18.56 -21.83 6.55
C GLU A 242 -18.06 -22.71 7.70
N PHE A 243 -17.15 -22.20 8.53
CA PHE A 243 -16.69 -22.98 9.67
C PHE A 243 -17.83 -23.28 10.64
N LYS A 244 -18.77 -22.35 10.79
CA LYS A 244 -19.97 -22.65 11.57
C LYS A 244 -20.73 -23.84 11.01
N ARG A 245 -20.86 -23.91 9.67
CA ARG A 245 -21.60 -25.00 9.07
C ARG A 245 -20.89 -26.33 9.29
N LYS A 246 -19.59 -26.39 8.99
CA LYS A 246 -18.87 -27.65 9.03
C LYS A 246 -18.42 -28.05 10.43
N HIS A 247 -18.49 -27.15 11.41
CA HIS A 247 -18.00 -27.47 12.74
C HIS A 247 -18.87 -27.00 13.90
N LYS A 248 -19.99 -26.31 13.64
CA LYS A 248 -20.90 -25.82 14.68
C LYS A 248 -20.22 -24.86 15.65
N LYS A 249 -19.12 -24.24 15.24
CA LYS A 249 -18.33 -23.38 16.13
C LYS A 249 -18.15 -22.01 15.50
N ASP A 250 -18.37 -20.96 16.30
CA ASP A 250 -18.16 -19.58 15.89
C ASP A 250 -16.78 -19.16 16.39
N ILE A 251 -15.86 -18.96 15.46
CA ILE A 251 -14.48 -18.62 15.78
C ILE A 251 -14.24 -17.12 15.86
N SER A 252 -15.29 -16.29 15.74
CA SER A 252 -15.10 -14.86 15.54
C SER A 252 -14.58 -14.13 16.77
N GLN A 253 -14.76 -14.67 17.97
CA GLN A 253 -14.22 -14.03 19.17
C GLN A 253 -12.80 -14.47 19.52
N ASN A 254 -12.23 -15.39 18.74
CA ASN A 254 -10.87 -15.88 18.95
C ASN A 254 -9.92 -15.06 18.08
N LYS A 255 -9.17 -14.14 18.71
CA LYS A 255 -8.36 -13.20 17.94
C LYS A 255 -7.29 -13.92 17.13
N ARG A 256 -6.66 -14.94 17.73
CA ARG A 256 -5.61 -15.69 17.03
C ARG A 256 -6.15 -16.32 15.76
N ALA A 257 -7.28 -17.03 15.86
CA ALA A 257 -7.82 -17.76 14.72
C ALA A 257 -8.24 -16.81 13.60
N VAL A 258 -8.82 -15.67 13.94
CA VAL A 258 -9.25 -14.71 12.93
C VAL A 258 -8.04 -14.13 12.19
N ARG A 259 -6.97 -13.80 12.92
CA ARG A 259 -5.81 -13.22 12.24
C ARG A 259 -5.16 -14.21 11.29
N ARG A 260 -5.14 -15.48 11.67
CA ARG A 260 -4.54 -16.50 10.79
C ARG A 260 -5.44 -16.81 9.60
N LEU A 261 -6.74 -16.87 9.82
CA LEU A 261 -7.68 -16.96 8.70
C LEU A 261 -7.49 -15.77 7.76
N ARG A 262 -7.29 -14.58 8.31
CA ARG A 262 -7.11 -13.40 7.48
C ARG A 262 -5.86 -13.52 6.60
N THR A 263 -4.75 -13.97 7.18
CA THR A 263 -3.53 -14.16 6.39
C THR A 263 -3.75 -15.16 5.25
N ALA A 264 -4.48 -16.25 5.53
CA ALA A 264 -4.75 -17.23 4.48
C ALA A 264 -5.70 -16.69 3.41
N CYS A 265 -6.64 -15.83 3.81
CA CYS A 265 -7.54 -15.22 2.84
C CYS A 265 -6.80 -14.26 1.92
N GLU A 266 -5.88 -13.48 2.46
CA GLU A 266 -5.09 -12.58 1.61
C GLU A 266 -4.31 -13.37 0.56
N ARG A 267 -3.79 -14.54 0.93
CA ARG A 267 -3.05 -15.36 -0.03
C ARG A 267 -3.98 -15.95 -1.09
N ALA A 268 -5.12 -16.47 -0.68
CA ALA A 268 -6.08 -17.02 -1.63
C ALA A 268 -6.59 -15.95 -2.59
N LYS A 269 -6.85 -14.75 -2.08
CA LYS A 269 -7.25 -13.63 -2.93
C LYS A 269 -6.22 -13.38 -4.02
N ARG A 270 -4.93 -13.37 -3.67
CA ARG A 270 -3.91 -13.12 -4.68
C ARG A 270 -3.91 -14.21 -5.74
N THR A 271 -4.04 -15.46 -5.32
CA THR A 271 -4.12 -16.58 -6.28
C THR A 271 -5.28 -16.38 -7.25
N LEU A 272 -6.43 -15.92 -6.75
CA LEU A 272 -7.60 -15.74 -7.62
C LEU A 272 -7.40 -14.67 -8.67
N SER A 273 -6.31 -13.89 -8.61
CA SER A 273 -6.07 -12.94 -9.67
C SER A 273 -5.51 -13.60 -10.93
N SER A 274 -4.94 -14.79 -10.81
CA SER A 274 -4.45 -15.52 -11.99
C SER A 274 -5.02 -16.92 -12.14
N SER A 275 -5.68 -17.48 -11.13
CA SER A 275 -6.37 -18.75 -11.24
C SER A 275 -7.85 -18.56 -10.94
N THR A 276 -8.66 -19.51 -11.37
CA THR A 276 -10.09 -19.46 -11.14
C THR A 276 -10.50 -20.13 -9.82
N GLN A 277 -9.55 -20.72 -9.10
CA GLN A 277 -9.86 -21.36 -7.84
C GLN A 277 -8.64 -21.29 -6.94
N ALA A 278 -8.88 -21.30 -5.63
CA ALA A 278 -7.82 -21.24 -4.64
C ALA A 278 -8.18 -22.13 -3.47
N SER A 279 -7.17 -22.77 -2.88
CA SER A 279 -7.35 -23.66 -1.74
C SER A 279 -6.88 -22.97 -0.47
N LEU A 280 -7.61 -23.18 0.62
CA LEU A 280 -7.19 -22.72 1.94
C LEU A 280 -6.84 -23.92 2.80
N GLU A 281 -5.63 -23.91 3.36
CA GLU A 281 -5.10 -25.04 4.12
C GLU A 281 -4.46 -24.49 5.39
N ILE A 282 -5.25 -24.44 6.47
CA ILE A 282 -4.79 -23.92 7.75
C ILE A 282 -4.78 -25.06 8.75
N ASP A 283 -3.60 -25.43 9.23
CA ASP A 283 -3.51 -26.41 10.30
C ASP A 283 -3.80 -25.73 11.63
N SER A 284 -4.63 -26.38 12.45
CA SER A 284 -4.86 -25.97 13.83
C SER A 284 -5.37 -24.52 13.90
N LEU A 285 -6.44 -24.27 13.13
CA LEU A 285 -7.02 -22.94 13.10
C LEU A 285 -7.64 -22.55 14.44
N PHE A 286 -8.61 -23.34 14.90
CA PHE A 286 -9.37 -23.02 16.10
C PHE A 286 -9.58 -24.32 16.85
N GLU A 287 -9.09 -24.37 18.10
CA GLU A 287 -9.25 -25.55 18.96
C GLU A 287 -8.58 -26.78 18.35
N GLY A 288 -7.41 -26.57 17.76
CA GLY A 288 -6.68 -27.63 17.11
C GLY A 288 -7.29 -28.16 15.83
N ILE A 289 -8.45 -27.64 15.42
CA ILE A 289 -9.14 -28.15 14.24
C ILE A 289 -8.51 -27.57 12.98
N ASP A 290 -8.20 -28.43 12.02
CA ASP A 290 -7.72 -28.00 10.71
C ASP A 290 -8.87 -27.47 9.87
N PHE A 291 -8.55 -26.49 9.03
CA PHE A 291 -9.53 -25.90 8.11
C PHE A 291 -8.97 -26.00 6.70
N TYR A 292 -9.52 -26.92 5.91
CA TYR A 292 -9.16 -27.08 4.51
C TYR A 292 -10.42 -26.87 3.68
N THR A 293 -10.35 -25.94 2.72
CA THR A 293 -11.50 -25.63 1.88
C THR A 293 -10.99 -24.96 0.61
N SER A 294 -11.92 -24.42 -0.17
CA SER A 294 -11.56 -23.79 -1.43
C SER A 294 -12.58 -22.70 -1.75
N ILE A 295 -12.20 -21.84 -2.70
CA ILE A 295 -13.10 -20.79 -3.16
C ILE A 295 -12.79 -20.48 -4.61
N THR A 296 -13.83 -20.19 -5.37
CA THR A 296 -13.71 -19.83 -6.77
C THR A 296 -13.62 -18.32 -6.92
N ARG A 297 -13.03 -17.91 -8.05
CA ARG A 297 -12.95 -16.48 -8.34
C ARG A 297 -14.33 -15.85 -8.44
N ALA A 298 -15.28 -16.57 -9.04
CA ALA A 298 -16.64 -16.03 -9.16
C ALA A 298 -17.28 -15.82 -7.79
N ARG A 299 -17.07 -16.74 -6.85
CA ARG A 299 -17.62 -16.54 -5.52
C ARG A 299 -16.97 -15.36 -4.82
N PHE A 300 -15.67 -15.18 -5.02
CA PHE A 300 -14.98 -14.04 -4.44
C PHE A 300 -15.53 -12.72 -4.99
N GLU A 301 -15.80 -12.70 -6.29
CA GLU A 301 -16.35 -11.49 -6.90
C GLU A 301 -17.74 -11.19 -6.36
N GLU A 302 -18.54 -12.22 -6.09
CA GLU A 302 -19.85 -11.98 -5.50
C GLU A 302 -19.73 -11.39 -4.11
N LEU A 303 -18.82 -11.93 -3.29
CA LEU A 303 -18.64 -11.46 -1.92
C LEU A 303 -18.23 -9.99 -1.87
N CYS A 304 -17.55 -9.49 -2.91
CA CYS A 304 -17.03 -8.14 -2.90
C CYS A 304 -17.70 -7.23 -3.92
N SER A 305 -18.79 -7.67 -4.55
CA SER A 305 -19.31 -6.99 -5.73
C SER A 305 -19.64 -5.53 -5.45
N ASP A 306 -20.21 -5.25 -4.29
CA ASP A 306 -20.58 -3.89 -3.92
C ASP A 306 -19.35 -3.03 -3.66
N LEU A 307 -18.30 -3.60 -3.08
CA LEU A 307 -17.10 -2.82 -2.83
C LEU A 307 -16.40 -2.47 -4.14
N PHE A 308 -16.28 -3.45 -5.04
CA PHE A 308 -15.68 -3.21 -6.35
C PHE A 308 -16.44 -2.13 -7.10
N ARG A 309 -17.77 -2.22 -7.10
CA ARG A 309 -18.54 -1.24 -7.86
C ARG A 309 -18.41 0.15 -7.28
N SER A 310 -18.18 0.25 -5.97
CA SER A 310 -18.11 1.55 -5.31
C SER A 310 -16.91 2.36 -5.76
N THR A 311 -15.93 1.74 -6.40
CA THR A 311 -14.78 2.52 -6.85
C THR A 311 -15.12 3.41 -8.02
N LEU A 312 -16.23 3.18 -8.71
CA LEU A 312 -16.55 3.98 -9.88
C LEU A 312 -17.17 5.33 -9.51
N GLU A 313 -17.76 5.45 -8.31
CA GLU A 313 -18.35 6.75 -8.00
C GLU A 313 -17.29 7.83 -7.78
N PRO A 314 -16.18 7.57 -7.09
CA PRO A 314 -15.12 8.59 -7.06
C PRO A 314 -14.57 8.93 -8.44
N VAL A 315 -14.55 7.99 -9.39
CA VAL A 315 -14.13 8.34 -10.75
C VAL A 315 -15.09 9.35 -11.35
N GLU A 316 -16.40 9.06 -11.26
CA GLU A 316 -17.38 10.00 -11.78
C GLU A 316 -17.24 11.37 -11.14
N LYS A 317 -17.04 11.40 -9.82
CA LYS A 317 -16.91 12.68 -9.13
C LYS A 317 -15.66 13.43 -9.58
N ALA A 318 -14.53 12.73 -9.70
CA ALA A 318 -13.31 13.36 -10.18
C ALA A 318 -13.51 13.98 -11.57
N LEU A 319 -14.18 13.25 -12.47
CA LEU A 319 -14.41 13.79 -13.82
C LEU A 319 -15.29 15.04 -13.77
N ARG A 320 -16.33 15.03 -12.95
CA ARG A 320 -17.16 16.23 -12.78
C ARG A 320 -16.34 17.40 -12.26
N ASP A 321 -15.49 17.17 -11.27
CA ASP A 321 -14.70 18.26 -10.70
C ASP A 321 -13.68 18.80 -11.70
N ALA A 322 -13.10 17.94 -12.53
CA ALA A 322 -12.15 18.37 -13.56
C ALA A 322 -12.85 18.93 -14.80
N LYS A 323 -14.18 18.87 -14.85
CA LYS A 323 -14.95 19.33 -16.00
C LYS A 323 -14.53 18.62 -17.29
N LEU A 324 -14.40 17.30 -17.20
CA LEU A 324 -13.99 16.47 -18.32
C LEU A 324 -14.98 15.34 -18.52
N ASP A 325 -15.16 14.96 -19.78
CA ASP A 325 -15.91 13.78 -20.15
C ASP A 325 -14.98 12.57 -20.17
N LYS A 326 -15.58 11.38 -20.06
CA LYS A 326 -14.81 10.13 -20.10
C LYS A 326 -13.87 10.09 -21.30
N ALA A 327 -14.35 10.51 -22.47
CA ALA A 327 -13.57 10.38 -23.69
C ALA A 327 -12.41 11.35 -23.76
N GLN A 328 -12.38 12.38 -22.91
CA GLN A 328 -11.27 13.32 -22.91
C GLN A 328 -10.04 12.82 -22.15
N ILE A 329 -10.15 11.71 -21.41
CA ILE A 329 -9.02 11.15 -20.69
C ILE A 329 -8.16 10.37 -21.69
N HIS A 330 -6.88 10.76 -21.80
CA HIS A 330 -6.00 10.13 -22.79
C HIS A 330 -5.40 8.81 -22.29
N ASP A 331 -5.07 8.71 -21.01
CA ASP A 331 -4.46 7.50 -20.48
C ASP A 331 -5.04 7.16 -19.11
N LEU A 332 -5.32 5.88 -18.89
CA LEU A 332 -5.81 5.33 -17.63
C LEU A 332 -4.70 4.46 -17.04
N VAL A 333 -4.21 4.82 -15.86
CA VAL A 333 -3.05 4.16 -15.26
C VAL A 333 -3.50 3.41 -14.00
N LEU A 334 -3.23 2.10 -13.95
CA LEU A 334 -3.56 1.29 -12.77
C LEU A 334 -2.40 1.28 -11.78
N VAL A 335 -2.70 1.61 -10.53
CA VAL A 335 -1.75 1.64 -9.42
C VAL A 335 -2.38 0.88 -8.25
N GLY A 336 -1.53 0.22 -7.46
CA GLY A 336 -2.01 -0.47 -6.27
C GLY A 336 -2.24 -1.95 -6.51
N GLY A 337 -1.90 -2.78 -5.52
CA GLY A 337 -2.00 -4.23 -5.71
C GLY A 337 -3.40 -4.73 -5.98
N SER A 338 -4.43 -4.04 -5.46
CA SER A 338 -5.80 -4.50 -5.70
C SER A 338 -6.28 -4.30 -7.14
N THR A 339 -5.62 -3.45 -7.93
CA THR A 339 -5.99 -3.33 -9.34
C THR A 339 -5.53 -4.53 -10.17
N ARG A 340 -4.87 -5.51 -9.55
CA ARG A 340 -4.56 -6.76 -10.23
C ARG A 340 -5.75 -7.70 -10.27
N ILE A 341 -6.80 -7.41 -9.51
CA ILE A 341 -8.01 -8.22 -9.52
C ILE A 341 -8.72 -8.08 -10.87
N PRO A 342 -8.98 -9.18 -11.59
CA PRO A 342 -9.61 -9.06 -12.91
C PRO A 342 -10.93 -8.30 -12.92
N LYS A 343 -11.79 -8.50 -11.91
CA LYS A 343 -13.09 -7.84 -11.89
C LYS A 343 -12.96 -6.33 -11.79
N VAL A 344 -11.97 -5.86 -11.03
CA VAL A 344 -11.75 -4.42 -10.91
C VAL A 344 -11.31 -3.83 -12.24
N GLN A 345 -10.45 -4.54 -12.97
CA GLN A 345 -10.03 -4.07 -14.29
C GLN A 345 -11.21 -4.01 -15.24
N LYS A 346 -12.07 -5.04 -15.22
CA LYS A 346 -13.25 -5.04 -16.09
C LYS A 346 -14.17 -3.86 -15.78
N LEU A 347 -14.41 -3.58 -14.50
CA LEU A 347 -15.29 -2.48 -14.15
C LEU A 347 -14.77 -1.14 -14.66
N LEU A 348 -13.47 -0.88 -14.49
CA LEU A 348 -12.92 0.40 -14.94
C LEU A 348 -12.91 0.50 -16.45
N GLN A 349 -12.54 -0.58 -17.13
CA GLN A 349 -12.51 -0.56 -18.59
C GLN A 349 -13.90 -0.41 -19.17
N ASP A 350 -14.89 -1.10 -18.59
CA ASP A 350 -16.27 -0.95 -19.05
C ASP A 350 -16.76 0.48 -18.82
N PHE A 351 -16.44 1.04 -17.65
CA PHE A 351 -16.85 2.41 -17.35
C PHE A 351 -16.28 3.39 -18.37
N PHE A 352 -15.06 3.15 -18.84
CA PHE A 352 -14.46 3.99 -19.88
C PHE A 352 -14.76 3.48 -21.29
N ASN A 353 -15.80 2.67 -21.46
CA ASN A 353 -16.32 2.27 -22.76
C ASN A 353 -15.29 1.52 -23.60
N GLY A 354 -14.42 0.77 -22.93
CA GLY A 354 -13.49 -0.13 -23.60
C GLY A 354 -12.08 0.38 -23.75
N ARG A 355 -11.77 1.57 -23.23
CA ARG A 355 -10.42 2.13 -23.36
C ARG A 355 -9.35 1.22 -22.75
N ASP A 356 -8.14 1.32 -23.30
CA ASP A 356 -7.01 0.55 -22.80
C ASP A 356 -6.73 0.91 -21.35
N LEU A 357 -6.18 -0.05 -20.62
CA LEU A 357 -5.66 0.21 -19.28
C LEU A 357 -4.14 0.09 -19.35
N ASN A 358 -3.43 1.05 -18.73
CA ASN A 358 -1.96 0.95 -18.60
C ASN A 358 -1.66 0.08 -17.40
N LYS A 359 -1.30 -1.18 -17.65
CA LYS A 359 -1.07 -2.14 -16.57
C LYS A 359 0.11 -3.05 -16.86
N SER A 360 1.00 -2.68 -17.77
CA SER A 360 2.13 -3.53 -18.12
C SER A 360 3.20 -3.54 -17.03
N ILE A 361 3.25 -2.51 -16.19
CA ILE A 361 4.06 -2.54 -14.97
C ILE A 361 3.17 -3.03 -13.85
N ASN A 362 3.64 -4.00 -13.04
CA ASN A 362 2.83 -4.48 -11.92
C ASN A 362 2.28 -3.28 -11.14
N PRO A 363 0.96 -3.16 -10.97
CA PRO A 363 0.42 -1.92 -10.39
C PRO A 363 0.97 -1.60 -8.99
N ASP A 364 1.27 -2.60 -8.19
CA ASP A 364 1.85 -2.30 -6.88
C ASP A 364 3.30 -1.85 -6.96
N GLU A 365 3.90 -1.83 -8.15
CA GLU A 365 5.29 -1.42 -8.33
C GLU A 365 5.43 -0.13 -9.14
N ALA A 366 4.34 0.37 -9.73
CA ALA A 366 4.46 1.44 -10.72
C ALA A 366 4.90 2.76 -10.09
N VAL A 367 4.50 3.02 -8.85
CA VAL A 367 4.94 4.25 -8.18
C VAL A 367 6.44 4.23 -7.94
N ALA A 368 6.97 3.12 -7.42
CA ALA A 368 8.41 3.01 -7.19
C ALA A 368 9.18 3.07 -8.51
N TYR A 369 8.62 2.46 -9.56
CA TYR A 369 9.23 2.52 -10.88
C TYR A 369 9.44 3.97 -11.30
N GLY A 370 8.39 4.79 -11.19
CA GLY A 370 8.47 6.19 -11.57
C GLY A 370 9.35 7.01 -10.65
N ALA A 371 9.37 6.66 -9.36
CA ALA A 371 10.27 7.35 -8.43
C ALA A 371 11.72 7.08 -8.78
N ALA A 372 12.03 5.85 -9.21
CA ALA A 372 13.40 5.51 -9.59
C ALA A 372 13.82 6.24 -10.85
N VAL A 373 12.91 6.42 -11.81
CA VAL A 373 13.24 7.17 -13.01
C VAL A 373 13.57 8.61 -12.63
N GLN A 374 12.73 9.21 -11.80
CA GLN A 374 12.93 10.61 -11.42
C GLN A 374 14.22 10.77 -10.61
N ALA A 375 14.55 9.79 -9.78
CA ALA A 375 15.78 9.86 -9.00
C ALA A 375 16.99 9.90 -9.92
N ALA A 376 16.95 9.09 -10.99
CA ALA A 376 18.06 9.09 -11.96
C ALA A 376 18.12 10.42 -12.70
N ILE A 377 16.97 10.96 -13.09
CA ILE A 377 16.92 12.26 -13.76
C ILE A 377 17.51 13.35 -12.87
N LEU A 378 17.15 13.36 -11.59
CA LEU A 378 17.66 14.40 -10.69
C LEU A 378 19.17 14.27 -10.48
N LEU A 379 19.71 13.06 -10.48
CA LEU A 379 21.12 12.85 -10.17
C LEU A 379 22.03 13.40 -11.26
#